data_3RPJ
#
_entry.id   3RPJ
#
_cell.length_a   50.380
_cell.length_b   77.952
_cell.length_c   86.163
_cell.angle_alpha   90.000
_cell.angle_beta   90.000
_cell.angle_gamma   90.000
#
_symmetry.space_group_name_H-M   'P 21 21 21'
#
loop_
_entity.id
_entity.type
_entity.pdbx_description
1 polymer 'Curlin genes transcriptional regulator'
2 non-polymer 'SULFATE ION'
3 non-polymer 1,2-ETHANEDIOL
4 water water
#
_entity_poly.entity_id   1
_entity_poly.type   'polypeptide(L)'
_entity_poly.pdbx_seq_one_letter_code
;SNA(MSE)TSSLHPTRGKLLKRFAQIGPYIREQQCQESQFFFDCLAVCVNKKVTPEKREFWGWW(MSE)ELERNGEQLIY
YYQVGLFDKNGDWVNQVISKKDVIESIHETLIRFHDFLQAAVSELE(MSE)TLVPDEK(MSE)SNFPLPL
;
_entity_poly.pdbx_strand_id   A,B
#
loop_
_chem_comp.id
_chem_comp.type
_chem_comp.name
_chem_comp.formula
EDO non-polymer 1,2-ETHANEDIOL 'C2 H6 O2'
SO4 non-polymer 'SULFATE ION' 'O4 S -2'
#
# COMPACT_ATOMS: atom_id res chain seq x y z
N LEU A 8 -16.30 1.88 -17.70
CA LEU A 8 -14.83 2.06 -17.67
C LEU A 8 -14.18 0.99 -16.80
N HIS A 9 -13.00 0.53 -17.21
CA HIS A 9 -12.26 -0.51 -16.49
C HIS A 9 -10.80 -0.10 -16.27
N PRO A 10 -10.31 -0.20 -15.02
CA PRO A 10 -11.02 -0.69 -13.83
C PRO A 10 -12.15 0.23 -13.37
N THR A 11 -13.09 -0.35 -12.61
CA THR A 11 -14.27 0.33 -12.06
C THR A 11 -13.94 1.30 -10.94
N ARG A 12 -14.89 2.17 -10.65
CA ARG A 12 -14.78 3.08 -9.51
C ARG A 12 -14.61 2.29 -8.22
N GLY A 13 -15.43 1.26 -8.05
CA GLY A 13 -15.38 0.36 -6.88
C GLY A 13 -14.00 -0.27 -6.66
N LYS A 14 -13.40 -0.80 -7.74
CA LYS A 14 -12.06 -1.39 -7.69
C LYS A 14 -11.00 -0.34 -7.32
N LEU A 15 -11.12 0.87 -7.87
CA LEU A 15 -10.17 1.94 -7.58
C LEU A 15 -10.27 2.33 -6.11
N LEU A 16 -11.49 2.45 -5.61
CA LEU A 16 -11.71 2.77 -4.20
C LEU A 16 -11.02 1.77 -3.25
N LYS A 17 -11.22 0.49 -3.50
CA LYS A 17 -10.61 -0.57 -2.66
C LYS A 17 -9.09 -0.52 -2.79
N ARG A 18 -8.59 -0.38 -4.01
CA ARG A 18 -7.14 -0.32 -4.19
C ARG A 18 -6.52 0.86 -3.49
N PHE A 19 -7.15 2.03 -3.59
CA PHE A 19 -6.67 3.22 -2.93
C PHE A 19 -6.78 3.15 -1.40
N ALA A 20 -7.82 2.51 -0.91
CA ALA A 20 -7.98 2.34 0.53
C ALA A 20 -6.85 1.50 1.13
N GLN A 21 -6.28 0.60 0.33
CA GLN A 21 -5.20 -0.28 0.77
C GLN A 21 -3.91 0.48 1.09
N ILE A 22 -3.73 1.66 0.52
CA ILE A 22 -2.57 2.52 0.79
C ILE A 22 -2.50 3.03 2.21
N GLY A 23 -3.62 3.06 2.94
CA GLY A 23 -3.66 3.57 4.29
C GLY A 23 -4.91 4.41 4.59
N PRO A 24 -4.89 5.08 5.75
CA PRO A 24 -6.01 5.90 6.20
C PRO A 24 -5.97 7.28 5.55
N TYR A 25 -6.05 7.36 4.21
CA TYR A 25 -6.06 8.61 3.48
C TYR A 25 -7.37 8.85 2.75
N ILE A 26 -7.82 7.87 1.99
CA ILE A 26 -8.97 8.06 1.16
C ILE A 26 -10.22 8.26 2.04
N ARG A 27 -11.10 9.19 1.67
CA ARG A 27 -12.35 9.42 2.38
C ARG A 27 -13.48 9.03 1.43
N GLU A 28 -13.98 7.81 1.60
CA GLU A 28 -15.00 7.24 0.69
C GLU A 28 -16.24 8.13 0.57
N GLN A 29 -16.74 8.63 1.69
CA GLN A 29 -17.94 9.47 1.67
C GLN A 29 -17.75 10.81 0.93
N GLN A 30 -16.52 11.17 0.58
CA GLN A 30 -16.28 12.38 -0.22
C GLN A 30 -15.81 12.10 -1.64
N CYS A 31 -15.79 10.84 -2.04
CA CYS A 31 -15.33 10.50 -3.38
C CYS A 31 -16.45 10.70 -4.40
N GLU A 33 -17.66 12.12 -6.72
CA GLU A 33 -18.41 11.47 -7.81
C GLU A 33 -17.61 11.64 -9.12
N SER A 34 -16.88 10.60 -9.53
CA SER A 34 -15.79 10.72 -10.55
C SER A 34 -14.50 11.43 -10.05
N GLN A 35 -14.49 11.82 -8.78
CA GLN A 35 -13.30 12.36 -8.13
C GLN A 35 -13.07 11.49 -6.92
N PHE A 36 -11.81 11.23 -6.59
CA PHE A 36 -11.48 10.61 -5.32
C PHE A 36 -10.88 11.70 -4.40
N PHE A 37 -11.15 11.58 -3.11
CA PHE A 37 -10.69 12.51 -2.11
C PHE A 37 -9.85 11.82 -1.04
N PHE A 38 -8.68 12.40 -0.78
CA PHE A 38 -7.71 11.89 0.18
C PHE A 38 -7.33 13.02 1.12
N ASP A 39 -7.03 12.70 2.37
CA ASP A 39 -6.42 13.74 3.22
C ASP A 39 -5.57 13.14 4.31
N CYS A 40 -4.83 14.00 5.00
CA CYS A 40 -3.92 13.58 6.02
C CYS A 40 -3.81 14.68 7.09
N LEU A 41 -4.16 14.31 8.33
CA LEU A 41 -4.05 15.15 9.51
C LEU A 41 -2.67 14.93 10.07
N ALA A 42 -1.73 15.72 9.62
CA ALA A 42 -0.32 15.52 9.89
C ALA A 42 0.15 16.08 11.24
N VAL A 43 -0.31 17.28 11.62
CA VAL A 43 0.18 17.94 12.83
C VAL A 43 -0.99 18.56 13.56
N CYS A 44 -1.21 18.14 14.81
CA CYS A 44 -2.27 18.77 15.59
C CYS A 44 -1.95 20.24 15.88
N VAL A 45 -2.94 21.11 15.75
CA VAL A 45 -2.75 22.54 15.89
C VAL A 45 -2.40 22.89 17.35
N ASN A 46 -3.15 22.29 18.28
CA ASN A 46 -2.97 22.48 19.71
C ASN A 46 -3.51 21.26 20.44
N LYS A 47 -2.60 20.43 20.95
CA LYS A 47 -2.98 19.23 21.69
C LYS A 47 -3.72 19.52 23.01
N LYS A 48 -3.57 20.74 23.55
CA LYS A 48 -4.24 21.11 24.82
C LYS A 48 -5.76 21.18 24.64
N VAL A 49 -6.23 21.34 23.40
CA VAL A 49 -7.66 21.34 23.11
C VAL A 49 -8.23 19.91 23.22
N THR A 50 -9.47 19.80 23.68
CA THR A 50 -10.14 18.49 23.74
C THR A 50 -10.26 17.91 22.34
N PRO A 51 -10.39 16.56 22.23
CA PRO A 51 -10.41 15.92 20.91
C PRO A 51 -11.62 16.28 20.02
N GLU A 52 -12.69 16.80 20.63
CA GLU A 52 -13.86 17.24 19.89
C GLU A 52 -13.53 18.43 18.95
N LYS A 53 -12.93 19.49 19.49
CA LYS A 53 -12.64 20.72 18.74
C LYS A 53 -11.22 20.81 18.14
N ARG A 54 -10.50 19.69 18.14
CA ARG A 54 -9.13 19.66 17.64
C ARG A 54 -9.03 19.98 16.15
N GLU A 55 -7.98 20.70 15.79
CA GLU A 55 -7.72 21.09 14.41
C GLU A 55 -6.34 20.57 14.01
N PHE A 56 -6.08 20.46 12.70
CA PHE A 56 -4.84 19.87 12.22
C PHE A 56 -4.27 20.65 11.02
N TRP A 57 -2.94 20.78 11.00
CA TRP A 57 -2.24 21.16 9.78
C TRP A 57 -2.00 19.89 9.00
N GLY A 58 -2.24 19.96 7.68
CA GLY A 58 -2.06 18.79 6.85
C GLY A 58 -2.28 19.09 5.39
N TRP A 59 -2.78 18.08 4.66
CA TRP A 59 -3.03 18.24 3.23
C TRP A 59 -4.27 17.47 2.83
N TRP A 60 -4.82 17.89 1.70
CA TRP A 60 -5.87 17.12 1.05
C TRP A 60 -5.63 17.11 -0.45
N MSE A 61 -6.18 16.10 -1.10
CA MSE A 61 -5.91 15.85 -2.50
C MSE A 61 -7.16 15.37 -3.22
O MSE A 61 -7.92 14.55 -2.70
CB MSE A 61 -4.77 14.84 -2.64
CG MSE A 61 -4.19 14.77 -4.06
SE MSE A 61 -5.15 13.40 -5.11
CE MSE A 61 -4.09 11.89 -4.44
N GLU A 62 -7.38 15.94 -4.39
CA GLU A 62 -8.48 15.57 -5.28
C GLU A 62 -7.85 14.88 -6.47
N LEU A 63 -8.36 13.69 -6.78
CA LEU A 63 -7.81 12.86 -7.86
C LEU A 63 -8.91 12.71 -8.91
N GLU A 64 -8.75 13.35 -10.05
CA GLU A 64 -9.78 13.27 -11.10
C GLU A 64 -9.46 12.11 -12.06
N ARG A 65 -10.49 11.43 -12.52
CA ARG A 65 -10.34 10.43 -13.60
C ARG A 65 -10.75 10.96 -14.99
N ASN A 66 -9.93 10.67 -16.00
CA ASN A 66 -10.35 10.74 -17.38
C ASN A 66 -9.79 9.52 -18.06
N GLY A 67 -10.65 8.53 -18.30
CA GLY A 67 -10.27 7.26 -18.90
C GLY A 67 -9.14 6.55 -18.16
N GLU A 68 -8.04 6.32 -18.87
CA GLU A 68 -6.86 5.66 -18.29
C GLU A 68 -5.95 6.62 -17.51
N GLN A 69 -6.33 7.89 -17.39
CA GLN A 69 -5.50 8.90 -16.75
C GLN A 69 -6.15 9.33 -15.42
N LEU A 70 -5.33 9.51 -14.39
CA LEU A 70 -5.78 10.05 -13.11
C LEU A 70 -4.96 11.29 -12.83
N ILE A 71 -5.64 12.35 -12.42
CA ILE A 71 -5.05 13.68 -12.35
C ILE A 71 -5.12 14.18 -10.89
N TYR A 72 -3.96 14.47 -10.30
CA TYR A 72 -3.92 14.77 -8.88
C TYR A 72 -3.74 16.25 -8.60
N TYR A 73 -4.38 16.72 -7.54
CA TYR A 73 -4.27 18.12 -7.10
C TYR A 73 -4.25 18.18 -5.57
N TYR A 74 -3.04 18.35 -5.02
CA TYR A 74 -2.82 18.48 -3.57
C TYR A 74 -2.92 19.94 -3.17
N GLN A 75 -3.45 20.16 -1.97
CA GLN A 75 -3.36 21.46 -1.30
C GLN A 75 -2.93 21.22 0.15
N VAL A 76 -2.17 22.18 0.66
CA VAL A 76 -1.70 22.19 2.03
C VAL A 76 -2.51 23.20 2.81
N GLY A 77 -2.95 22.80 3.99
CA GLY A 77 -3.59 23.75 4.86
C GLY A 77 -4.04 23.26 6.22
N LEU A 78 -5.24 23.67 6.59
CA LEU A 78 -5.77 23.55 7.93
C LEU A 78 -7.11 22.82 7.89
N PHE A 79 -7.21 21.81 8.72
CA PHE A 79 -8.49 21.09 8.89
C PHE A 79 -9.06 21.64 10.17
N ASP A 80 -10.10 22.47 10.06
CA ASP A 80 -10.61 23.25 11.18
C ASP A 80 -11.66 22.51 12.03
N LYS A 81 -12.11 23.16 13.10
CA LYS A 81 -13.07 22.59 14.04
C LYS A 81 -14.38 22.15 13.39
N ASN A 82 -14.68 22.72 12.23
CA ASN A 82 -15.93 22.44 11.52
C ASN A 82 -15.80 21.25 10.60
N GLY A 83 -14.56 20.79 10.39
CA GLY A 83 -14.29 19.66 9.52
C GLY A 83 -14.02 20.09 8.09
N ASP A 84 -13.71 21.36 7.91
CA ASP A 84 -13.47 21.93 6.58
C ASP A 84 -11.98 22.15 6.39
N TRP A 85 -11.50 21.87 5.19
CA TRP A 85 -10.13 22.18 4.82
C TRP A 85 -10.03 23.59 4.28
N VAL A 86 -9.03 24.35 4.75
CA VAL A 86 -8.75 25.69 4.28
C VAL A 86 -7.30 25.74 3.83
N ASN A 87 -7.06 26.39 2.70
CA ASN A 87 -5.71 26.46 2.13
C ASN A 87 -4.74 27.46 2.78
N GLN A 88 -4.66 27.43 4.12
CA GLN A 88 -3.74 28.31 4.89
C GLN A 88 -2.94 27.44 5.81
N VAL A 89 -1.66 27.73 5.93
CA VAL A 89 -0.81 26.90 6.76
C VAL A 89 0.03 27.76 7.71
N ILE A 90 0.24 27.29 8.94
CA ILE A 90 1.12 27.99 9.88
C ILE A 90 2.50 28.11 9.25
N SER A 91 3.10 29.28 9.38
CA SER A 91 4.34 29.58 8.68
C SER A 91 5.57 29.15 9.51
N LYS A 92 5.65 27.85 9.76
CA LYS A 92 6.72 27.26 10.58
C LYS A 92 7.40 26.17 9.78
N LYS A 93 8.71 26.27 9.65
CA LYS A 93 9.51 25.31 8.92
C LYS A 93 9.28 23.87 9.37
N ASP A 94 9.30 23.63 10.68
CA ASP A 94 9.14 22.25 11.18
C ASP A 94 7.78 21.65 10.84
N VAL A 95 6.72 22.43 10.96
CA VAL A 95 5.38 21.92 10.68
C VAL A 95 5.24 21.61 9.18
N ILE A 96 5.71 22.53 8.33
CA ILE A 96 5.64 22.35 6.89
C ILE A 96 6.43 21.10 6.47
N GLU A 97 7.62 20.89 7.05
CA GLU A 97 8.41 19.71 6.76
C GLU A 97 7.67 18.43 7.12
N SER A 98 7.03 18.40 8.28
CA SER A 98 6.25 17.21 8.64
C SER A 98 5.11 16.94 7.68
N ILE A 99 4.37 17.99 7.29
CA ILE A 99 3.27 17.82 6.31
C ILE A 99 3.84 17.24 5.02
N HIS A 100 4.90 17.87 4.54
CA HIS A 100 5.57 17.45 3.33
C HIS A 100 6.05 16.01 3.40
N GLU A 101 6.61 15.60 4.52
CA GLU A 101 7.04 14.17 4.60
C GLU A 101 5.84 13.20 4.45
N THR A 102 4.68 13.52 5.01
CA THR A 102 3.53 12.64 4.93
C THR A 102 3.06 12.57 3.49
N LEU A 103 3.18 13.69 2.78
CA LEU A 103 2.66 13.82 1.45
C LEU A 103 3.51 12.98 0.49
N ILE A 104 4.83 13.15 0.56
CA ILE A 104 5.75 12.41 -0.33
C ILE A 104 5.65 10.91 -0.13
N ARG A 105 5.52 10.47 1.11
CA ARG A 105 5.43 9.05 1.39
C ARG A 105 4.13 8.49 0.81
N PHE A 106 3.03 9.21 1.04
CA PHE A 106 1.75 8.83 0.45
C PHE A 106 1.84 8.75 -1.08
N HIS A 107 2.41 9.77 -1.68
CA HIS A 107 2.46 9.85 -3.12
C HIS A 107 3.24 8.67 -3.74
N ASP A 108 4.33 8.30 -3.09
CA ASP A 108 5.07 7.11 -3.51
C ASP A 108 4.17 5.87 -3.57
N PHE A 109 3.34 5.65 -2.55
CA PHE A 109 2.37 4.53 -2.58
C PHE A 109 1.31 4.70 -3.65
N LEU A 110 0.84 5.92 -3.85
CA LEU A 110 -0.14 6.18 -4.88
C LEU A 110 0.40 5.86 -6.28
N GLN A 111 1.62 6.28 -6.54
CA GLN A 111 2.26 5.99 -7.81
C GLN A 111 2.32 4.49 -8.08
N ALA A 112 2.73 3.73 -7.07
CA ALA A 112 2.82 2.27 -7.20
C ALA A 112 1.44 1.64 -7.40
N ALA A 113 0.41 2.17 -6.73
CA ALA A 113 -0.95 1.65 -6.89
C ALA A 113 -1.49 1.93 -8.31
N VAL A 114 -1.31 3.14 -8.79
CA VAL A 114 -1.75 3.49 -10.16
C VAL A 114 -1.04 2.66 -11.24
N SER A 115 0.25 2.42 -11.03
CA SER A 115 1.01 1.57 -11.92
C SER A 115 0.42 0.14 -11.92
N GLU A 116 0.09 -0.37 -10.73
CA GLU A 116 -0.50 -1.72 -10.60
C GLU A 116 -1.83 -1.77 -11.32
N LEU A 117 -2.56 -0.67 -11.24
CA LEU A 117 -3.85 -0.57 -11.92
C LEU A 117 -3.68 -0.37 -13.44
N GLU A 118 -2.45 -0.23 -13.92
CA GLU A 118 -2.15 0.00 -15.34
C GLU A 118 -2.74 1.29 -15.86
N MSE A 119 -2.69 2.33 -15.05
CA MSE A 119 -3.19 3.63 -15.42
C MSE A 119 -2.04 4.63 -15.33
O MSE A 119 -0.90 4.24 -15.03
CB MSE A 119 -4.36 4.00 -14.51
CG MSE A 119 -5.54 3.06 -14.73
SE MSE A 119 -6.99 3.51 -13.52
CE MSE A 119 -7.71 5.13 -14.33
N THR A 120 -2.35 5.89 -15.65
CA THR A 120 -1.35 6.95 -15.77
C THR A 120 -1.69 8.06 -14.79
N LEU A 121 -0.71 8.47 -13.98
CA LEU A 121 -0.86 9.48 -12.95
C LEU A 121 -0.12 10.75 -13.36
N VAL A 122 -0.83 11.88 -13.40
CA VAL A 122 -0.27 13.14 -13.84
C VAL A 122 -0.77 14.28 -12.94
N PRO A 123 0.05 15.32 -12.77
CA PRO A 123 -0.40 16.44 -11.97
C PRO A 123 -1.46 17.28 -12.68
N ASP A 124 -2.44 17.80 -11.94
CA ASP A 124 -3.33 18.84 -12.47
C ASP A 124 -2.51 20.09 -12.85
N GLU A 125 -2.99 20.84 -13.83
CA GLU A 125 -2.32 22.10 -14.22
C GLU A 125 -2.15 23.06 -13.02
N LYS A 126 -3.05 22.98 -12.06
CA LYS A 126 -2.98 23.85 -10.87
C LYS A 126 -1.82 23.51 -9.95
N MSE A 127 -1.22 22.34 -10.12
CA MSE A 127 -0.04 21.99 -9.37
C MSE A 127 1.17 22.91 -9.72
O MSE A 127 2.14 22.93 -8.99
CB MSE A 127 0.31 20.52 -9.55
CG MSE A 127 -0.69 19.61 -8.82
SE MSE A 127 -0.52 19.80 -6.91
CE MSE A 127 1.22 19.04 -6.64
N SER A 128 1.07 23.70 -10.78
CA SER A 128 2.07 24.74 -10.98
C SER A 128 2.11 25.75 -9.80
N ASN A 129 1.05 25.81 -8.98
CA ASN A 129 1.03 26.73 -7.86
C ASN A 129 1.23 26.04 -6.49
N PHE A 130 1.62 24.77 -6.49
CA PHE A 130 1.85 24.03 -5.29
C PHE A 130 3.17 24.52 -4.70
N PRO A 131 3.19 24.84 -3.41
CA PRO A 131 4.38 25.55 -2.90
C PRO A 131 5.54 24.66 -2.37
N LEU A 132 5.46 23.37 -2.55
CA LEU A 132 6.51 22.47 -2.05
C LEU A 132 7.02 21.59 -3.16
N PRO A 133 8.24 21.08 -3.04
CA PRO A 133 8.69 20.11 -4.04
C PRO A 133 7.89 18.78 -4.03
N LEU A 134 7.65 18.24 -5.22
CA LEU A 134 7.10 16.89 -5.37
C LEU A 134 7.83 16.19 -6.52
N HIS B 9 -0.29 -17.93 -23.76
CA HIS B 9 -1.32 -18.26 -22.74
C HIS B 9 -1.31 -17.19 -21.63
N PRO B 10 -0.20 -17.02 -20.88
CA PRO B 10 1.06 -17.80 -20.76
C PRO B 10 0.93 -19.06 -19.89
N THR B 11 1.84 -20.01 -20.09
CA THR B 11 1.76 -21.33 -19.44
C THR B 11 2.05 -21.25 -17.94
N ARG B 12 1.52 -22.21 -17.18
CA ARG B 12 1.85 -22.37 -15.78
C ARG B 12 3.36 -22.49 -15.60
N GLY B 13 4.02 -23.18 -16.52
CA GLY B 13 5.47 -23.32 -16.48
C GLY B 13 6.19 -21.99 -16.66
N LYS B 14 5.67 -21.17 -17.57
CA LYS B 14 6.21 -19.83 -17.82
C LYS B 14 6.09 -18.98 -16.57
N LEU B 15 4.93 -19.05 -15.93
CA LEU B 15 4.67 -18.29 -14.71
C LEU B 15 5.60 -18.73 -13.59
N LEU B 16 5.65 -20.03 -13.35
CA LEU B 16 6.53 -20.59 -12.32
C LEU B 16 7.96 -20.10 -12.49
N LYS B 17 8.48 -20.21 -13.71
CA LYS B 17 9.85 -19.82 -14.00
C LYS B 17 10.04 -18.34 -13.73
N ARG B 18 9.16 -17.50 -14.28
CA ARG B 18 9.32 -16.07 -14.10
C ARG B 18 9.16 -15.64 -12.63
N PHE B 19 8.25 -16.28 -11.90
CA PHE B 19 8.09 -15.98 -10.46
C PHE B 19 9.30 -16.41 -9.64
N ALA B 20 9.88 -17.57 -9.96
CA ALA B 20 11.10 -18.02 -9.27
C ALA B 20 12.24 -17.02 -9.48
N GLN B 21 12.25 -16.33 -10.62
CA GLN B 21 13.32 -15.35 -10.93
C GLN B 21 13.28 -14.08 -10.09
N ILE B 22 12.15 -13.81 -9.46
CA ILE B 22 12.03 -12.66 -8.57
C ILE B 22 13.01 -12.79 -7.39
N GLY B 23 13.28 -14.03 -6.98
CA GLY B 23 14.17 -14.29 -5.84
C GLY B 23 13.70 -15.43 -4.96
N PRO B 24 14.25 -15.54 -3.75
CA PRO B 24 13.95 -16.67 -2.88
C PRO B 24 12.60 -16.59 -2.17
N TYR B 25 11.51 -16.58 -2.94
CA TYR B 25 10.17 -16.36 -2.37
C TYR B 25 9.18 -17.47 -2.67
N ILE B 26 9.06 -17.83 -3.94
CA ILE B 26 8.11 -18.86 -4.37
C ILE B 26 8.47 -20.22 -3.77
N ARG B 27 7.46 -20.96 -3.33
CA ARG B 27 7.62 -22.32 -2.79
C ARG B 27 6.89 -23.25 -3.76
N GLU B 28 7.62 -23.78 -4.74
CA GLU B 28 7.00 -24.55 -5.84
C GLU B 28 6.17 -25.74 -5.36
N GLN B 29 6.62 -26.41 -4.31
CA GLN B 29 5.90 -27.58 -3.79
C GLN B 29 4.51 -27.23 -3.23
N GLN B 30 4.31 -25.97 -2.86
CA GLN B 30 3.02 -25.53 -2.34
C GLN B 30 2.18 -24.82 -3.39
N CYS B 31 2.68 -24.73 -4.63
CA CYS B 31 1.90 -24.24 -5.77
C CYS B 31 1.18 -25.40 -6.41
N GLN B 32 -0.06 -25.18 -6.80
CA GLN B 32 -0.77 -26.17 -7.63
C GLN B 32 -1.36 -25.44 -8.81
N GLU B 33 -2.29 -26.10 -9.51
CA GLU B 33 -2.99 -25.52 -10.64
C GLU B 33 -3.65 -24.20 -10.25
N SER B 34 -3.28 -23.15 -10.97
CA SER B 34 -3.86 -21.80 -10.78
C SER B 34 -3.62 -21.10 -9.44
N GLN B 35 -2.89 -21.73 -8.51
CA GLN B 35 -2.55 -21.13 -7.21
C GLN B 35 -1.04 -21.14 -7.02
N PHE B 36 -0.48 -19.99 -6.63
CA PHE B 36 0.94 -19.92 -6.32
C PHE B 36 1.12 -19.48 -4.87
N PHE B 37 2.22 -19.91 -4.27
CA PHE B 37 2.52 -19.65 -2.86
C PHE B 37 3.92 -19.06 -2.71
N PHE B 38 4.02 -17.99 -1.94
CA PHE B 38 5.27 -17.27 -1.69
C PHE B 38 5.36 -17.00 -0.18
N ASP B 39 6.57 -16.95 0.36
CA ASP B 39 6.72 -16.55 1.74
C ASP B 39 8.10 -16.02 1.99
N CYS B 40 8.28 -15.46 3.18
CA CYS B 40 9.56 -14.84 3.54
C CYS B 40 9.77 -14.95 5.03
N LEU B 41 10.83 -15.66 5.41
CA LEU B 41 11.18 -15.81 6.81
C LEU B 41 12.06 -14.62 7.24
N ALA B 42 11.42 -13.49 7.54
CA ALA B 42 12.08 -12.19 7.63
C ALA B 42 12.93 -12.00 8.88
N VAL B 43 12.44 -12.42 10.05
CA VAL B 43 13.13 -12.15 11.30
C VAL B 43 13.05 -13.35 12.21
N CYS B 44 14.17 -13.81 12.71
CA CYS B 44 14.16 -14.94 13.64
C CYS B 44 13.53 -14.56 14.99
N VAL B 45 12.67 -15.44 15.51
CA VAL B 45 11.96 -15.18 16.74
C VAL B 45 12.90 -15.16 17.94
N ASN B 46 13.77 -16.16 18.01
CA ASN B 46 14.57 -16.37 19.20
C ASN B 46 15.74 -17.28 18.87
N LYS B 47 16.94 -16.71 18.79
CA LYS B 47 18.15 -17.47 18.48
C LYS B 47 18.70 -18.35 19.60
N LYS B 48 18.12 -18.29 20.80
CA LYS B 48 18.48 -19.22 21.86
C LYS B 48 17.99 -20.63 21.55
N VAL B 49 16.99 -20.74 20.68
CA VAL B 49 16.45 -22.03 20.25
C VAL B 49 17.43 -22.69 19.27
N THR B 50 17.58 -24.00 19.37
CA THR B 50 18.40 -24.74 18.43
C THR B 50 17.95 -24.46 16.98
N PRO B 51 18.91 -24.35 16.04
CA PRO B 51 18.59 -23.93 14.69
C PRO B 51 17.38 -24.61 14.02
N GLU B 52 17.30 -25.94 14.12
CA GLU B 52 16.21 -26.66 13.48
C GLU B 52 14.83 -26.39 14.10
N LYS B 53 14.78 -25.88 15.33
CA LYS B 53 13.52 -25.54 15.98
C LYS B 53 13.19 -24.06 15.93
N ARG B 54 14.02 -23.26 15.26
CA ARG B 54 13.80 -21.83 15.26
C ARG B 54 12.57 -21.47 14.48
N GLU B 55 11.94 -20.39 14.91
CA GLU B 55 10.76 -19.86 14.26
C GLU B 55 11.07 -18.48 13.74
N PHE B 56 10.17 -17.96 12.88
CA PHE B 56 10.39 -16.68 12.20
C PHE B 56 9.13 -15.84 12.08
N TRP B 57 9.30 -14.55 12.27
CA TRP B 57 8.27 -13.58 11.92
C TRP B 57 8.45 -13.24 10.46
N GLY B 58 7.34 -13.16 9.73
CA GLY B 58 7.41 -12.83 8.30
C GLY B 58 6.05 -12.71 7.67
N TRP B 59 5.99 -13.06 6.38
CA TRP B 59 4.75 -13.00 5.61
C TRP B 59 4.65 -14.17 4.64
N TRP B 60 3.42 -14.50 4.28
CA TRP B 60 3.12 -15.48 3.26
C TRP B 60 2.03 -14.94 2.38
N MSE B 61 2.04 -15.38 1.13
CA MSE B 61 1.11 -14.87 0.16
C MSE B 61 0.59 -15.97 -0.75
O MSE B 61 1.34 -16.87 -1.15
CB MSE B 61 1.76 -13.72 -0.63
CG MSE B 61 0.76 -12.92 -1.49
SE MSE B 61 0.58 -13.62 -3.32
CE MSE B 61 2.16 -12.76 -4.08
N GLU B 62 -0.71 -15.93 -1.03
CA GLU B 62 -1.39 -16.83 -1.95
C GLU B 62 -1.83 -16.02 -3.17
N LEU B 63 -1.42 -16.49 -4.34
CA LEU B 63 -1.70 -15.83 -5.61
C LEU B 63 -2.58 -16.75 -6.46
N GLU B 64 -3.85 -16.37 -6.64
CA GLU B 64 -4.80 -17.13 -7.47
C GLU B 64 -4.80 -16.62 -8.90
N ARG B 65 -4.66 -17.51 -9.87
CA ARG B 65 -4.82 -17.10 -11.26
C ARG B 65 -6.26 -17.20 -11.72
N ASN B 66 -6.72 -16.13 -12.35
CA ASN B 66 -8.06 -16.04 -12.91
C ASN B 66 -7.91 -15.45 -14.32
N GLY B 67 -7.58 -16.32 -15.27
CA GLY B 67 -7.32 -15.91 -16.65
C GLY B 67 -6.05 -15.08 -16.72
N GLU B 68 -6.19 -13.81 -17.09
CA GLU B 68 -5.02 -12.93 -17.19
C GLU B 68 -4.81 -12.14 -15.91
N GLN B 69 -5.64 -12.42 -14.92
CA GLN B 69 -5.63 -11.74 -13.63
C GLN B 69 -4.96 -12.63 -12.58
N LEU B 70 -4.12 -12.04 -11.74
CA LEU B 70 -3.50 -12.72 -10.59
C LEU B 70 -3.94 -12.01 -9.32
N ILE B 71 -4.59 -12.75 -8.43
CA ILE B 71 -5.29 -12.18 -7.28
C ILE B 71 -4.47 -12.45 -6.01
N TYR B 72 -4.00 -11.41 -5.34
CA TYR B 72 -3.03 -11.59 -4.25
C TYR B 72 -3.62 -11.45 -2.87
N TYR B 73 -3.17 -12.31 -1.98
CA TYR B 73 -3.58 -12.24 -0.57
C TYR B 73 -2.39 -12.48 0.35
N TYR B 74 -1.89 -11.40 0.95
CA TYR B 74 -0.77 -11.45 1.88
C TYR B 74 -1.31 -11.56 3.31
N GLN B 75 -0.59 -12.29 4.15
CA GLN B 75 -0.79 -12.28 5.60
C GLN B 75 0.56 -12.14 6.27
N VAL B 76 0.58 -11.43 7.39
CA VAL B 76 1.75 -11.29 8.22
C VAL B 76 1.62 -12.19 9.43
N GLY B 77 2.71 -12.82 9.84
CA GLY B 77 2.64 -13.61 11.04
C GLY B 77 3.90 -14.37 11.39
N LEU B 78 3.66 -15.61 11.84
CA LEU B 78 4.64 -16.43 12.50
C LEU B 78 4.73 -17.76 11.78
N PHE B 79 5.95 -18.16 11.45
CA PHE B 79 6.26 -19.47 10.87
C PHE B 79 6.85 -20.32 12.00
N ASP B 80 6.08 -21.30 12.49
CA ASP B 80 6.51 -22.11 13.66
C ASP B 80 7.43 -23.30 13.29
N LYS B 81 7.70 -24.21 14.21
CA LYS B 81 8.62 -25.37 13.93
C LYS B 81 8.16 -26.32 12.80
N ASN B 82 6.84 -26.42 12.59
CA ASN B 82 6.28 -27.40 11.64
C ASN B 82 6.29 -26.87 10.22
N GLY B 83 6.68 -25.60 10.07
CA GLY B 83 6.50 -24.92 8.81
C GLY B 83 5.05 -24.49 8.59
N ASP B 84 4.27 -24.35 9.67
CA ASP B 84 2.93 -23.71 9.61
C ASP B 84 2.98 -22.19 9.86
N TRP B 85 2.35 -21.45 8.98
CA TRP B 85 2.12 -20.02 9.15
C TRP B 85 0.86 -19.76 9.98
N VAL B 86 0.98 -18.89 10.99
CA VAL B 86 -0.10 -18.42 11.85
C VAL B 86 -0.17 -16.88 11.76
N ASN B 87 -1.38 -16.33 11.66
CA ASN B 87 -1.61 -14.91 11.49
C ASN B 87 -1.43 -14.03 12.77
N GLN B 88 -0.34 -14.27 13.52
CA GLN B 88 -0.02 -13.50 14.71
C GLN B 88 1.37 -12.98 14.61
N VAL B 89 1.54 -11.72 14.98
CA VAL B 89 2.82 -11.08 14.80
C VAL B 89 3.23 -10.35 16.07
N ILE B 90 4.52 -10.38 16.37
CA ILE B 90 5.02 -9.68 17.54
C ILE B 90 4.77 -8.18 17.37
N SER B 91 4.35 -7.55 18.44
CA SER B 91 3.92 -6.14 18.41
C SER B 91 5.13 -5.22 18.64
N LYS B 92 6.15 -5.37 17.77
CA LYS B 92 7.37 -4.54 17.84
C LYS B 92 7.50 -3.78 16.54
N LYS B 93 7.63 -2.47 16.63
CA LYS B 93 7.76 -1.61 15.45
C LYS B 93 8.90 -2.04 14.54
N ASP B 94 10.06 -2.30 15.11
CA ASP B 94 11.23 -2.64 14.28
C ASP B 94 11.06 -3.93 13.48
N VAL B 95 10.50 -4.96 14.11
CA VAL B 95 10.25 -6.23 13.43
C VAL B 95 9.17 -6.05 12.36
N ILE B 96 8.07 -5.36 12.71
CA ILE B 96 7.00 -5.14 11.75
C ILE B 96 7.53 -4.34 10.52
N GLU B 97 8.38 -3.36 10.77
CA GLU B 97 9.01 -2.59 9.69
C GLU B 97 9.86 -3.47 8.81
N SER B 98 10.64 -4.37 9.41
CA SER B 98 11.44 -5.30 8.61
C SER B 98 10.58 -6.21 7.76
N ILE B 99 9.50 -6.75 8.31
CA ILE B 99 8.62 -7.60 7.54
C ILE B 99 8.04 -6.80 6.37
N HIS B 100 7.61 -5.58 6.66
CA HIS B 100 6.94 -4.74 5.69
C HIS B 100 7.88 -4.35 4.56
N GLU B 101 9.13 -4.05 4.89
CA GLU B 101 10.14 -3.72 3.84
C GLU B 101 10.36 -4.91 2.88
N THR B 102 10.48 -6.13 3.40
CA THR B 102 10.68 -7.30 2.53
C THR B 102 9.44 -7.52 1.65
N LEU B 103 8.26 -7.28 2.22
CA LEU B 103 7.01 -7.46 1.48
C LEU B 103 6.85 -6.44 0.36
N ILE B 104 7.11 -5.19 0.67
CA ILE B 104 6.94 -4.13 -0.31
C ILE B 104 7.91 -4.34 -1.47
N ARG B 105 9.13 -4.71 -1.12
CA ARG B 105 10.17 -4.91 -2.12
C ARG B 105 9.79 -6.06 -3.06
N PHE B 106 9.32 -7.16 -2.45
CA PHE B 106 8.82 -8.30 -3.21
C PHE B 106 7.65 -7.89 -4.10
N HIS B 107 6.70 -7.15 -3.56
CA HIS B 107 5.50 -6.83 -4.32
C HIS B 107 5.86 -5.98 -5.53
N ASP B 108 6.84 -5.09 -5.36
CA ASP B 108 7.36 -4.28 -6.47
C ASP B 108 7.95 -5.15 -7.60
N PHE B 109 8.76 -6.14 -7.23
CA PHE B 109 9.29 -7.07 -8.23
C PHE B 109 8.17 -7.88 -8.86
N LEU B 110 7.18 -8.29 -8.06
CA LEU B 110 6.05 -9.04 -8.61
C LEU B 110 5.27 -8.22 -9.64
N GLN B 111 5.00 -6.95 -9.30
CA GLN B 111 4.38 -6.01 -10.23
C GLN B 111 5.11 -5.98 -11.56
N ALA B 112 6.44 -5.84 -11.50
CA ALA B 112 7.25 -5.78 -12.71
C ALA B 112 7.16 -7.05 -13.54
N ALA B 113 7.20 -8.20 -12.87
CA ALA B 113 7.16 -9.49 -13.56
C ALA B 113 5.79 -9.71 -14.23
N VAL B 114 4.71 -9.39 -13.51
CA VAL B 114 3.36 -9.54 -14.04
C VAL B 114 3.12 -8.62 -15.25
N SER B 115 3.65 -7.39 -15.17
CA SER B 115 3.57 -6.43 -16.26
C SER B 115 4.28 -6.99 -17.50
N GLU B 116 5.48 -7.54 -17.31
CA GLU B 116 6.20 -8.19 -18.40
C GLU B 116 5.44 -9.37 -19.00
N LEU B 117 4.72 -10.12 -18.16
CA LEU B 117 3.85 -11.22 -18.64
C LEU B 117 2.53 -10.75 -19.28
N GLU B 118 2.34 -9.42 -19.37
CA GLU B 118 1.11 -8.82 -19.91
C GLU B 118 -0.14 -9.29 -19.15
N MSE B 119 0.00 -9.41 -17.85
CA MSE B 119 -1.09 -9.82 -16.98
C MSE B 119 -1.29 -8.67 -15.98
O MSE B 119 -0.56 -7.69 -16.02
CB MSE B 119 -0.72 -11.14 -16.28
CG MSE B 119 -0.65 -12.34 -17.28
SE MSE B 119 -0.09 -13.97 -16.41
CE MSE B 119 -1.76 -14.42 -15.54
N THR B 120 -2.28 -8.81 -15.10
CA THR B 120 -2.59 -7.77 -14.13
C THR B 120 -2.73 -8.35 -12.73
N LEU B 121 -2.23 -7.62 -11.74
CA LEU B 121 -2.31 -8.01 -10.34
C LEU B 121 -3.48 -7.31 -9.71
N VAL B 122 -4.24 -8.01 -8.88
CA VAL B 122 -5.39 -7.40 -8.22
C VAL B 122 -5.44 -7.94 -6.80
N PRO B 123 -5.76 -7.10 -5.82
CA PRO B 123 -5.88 -7.59 -4.45
C PRO B 123 -7.12 -8.46 -4.20
N ASP B 124 -6.94 -9.55 -3.47
CA ASP B 124 -8.07 -10.31 -2.93
C ASP B 124 -8.99 -9.39 -2.09
N GLU B 125 -10.28 -9.70 -2.08
CA GLU B 125 -11.20 -8.91 -1.24
C GLU B 125 -10.80 -8.93 0.24
N LYS B 126 -10.15 -10.00 0.70
CA LYS B 126 -9.69 -10.08 2.09
C LYS B 126 -8.55 -9.11 2.44
N MSE B 127 -7.93 -8.50 1.43
CA MSE B 127 -6.91 -7.49 1.67
C MSE B 127 -7.47 -6.23 2.34
O MSE B 127 -6.69 -5.44 2.88
CB MSE B 127 -6.15 -7.12 0.39
CG MSE B 127 -5.19 -8.19 -0.07
SE MSE B 127 -3.76 -8.51 1.19
CE MSE B 127 -2.67 -6.95 0.77
N SER B 128 -8.78 -6.05 2.36
CA SER B 128 -9.39 -4.94 3.12
C SER B 128 -9.02 -4.97 4.60
N ASN B 129 -8.62 -6.14 5.14
CA ASN B 129 -8.23 -6.28 6.55
C ASN B 129 -6.71 -6.44 6.76
N PHE B 130 -5.94 -6.22 5.71
CA PHE B 130 -4.49 -6.29 5.79
C PHE B 130 -4.01 -5.06 6.59
N PRO B 131 -3.17 -5.26 7.61
CA PRO B 131 -2.92 -4.16 8.54
C PRO B 131 -1.76 -3.22 8.22
N LEU B 132 -1.19 -3.31 7.04
CA LEU B 132 -0.07 -2.49 6.63
C LEU B 132 -0.38 -1.80 5.29
N PRO B 133 0.26 -0.66 5.02
CA PRO B 133 0.05 -0.07 3.69
C PRO B 133 0.66 -0.89 2.56
N LEU B 134 -0.04 -0.93 1.44
CA LEU B 134 0.47 -1.56 0.23
C LEU B 134 -0.22 -1.02 -1.03
S SO4 C . 3.63 2.38 -15.48
O1 SO4 C . 3.86 3.76 -15.06
O2 SO4 C . 4.52 2.08 -16.58
O3 SO4 C . 3.91 1.50 -14.36
O4 SO4 C . 2.24 2.20 -15.89
S SO4 D . 2.25 29.58 17.69
O1 SO4 D . 1.72 30.17 18.92
O2 SO4 D . 3.72 29.65 17.71
O3 SO4 D . 1.85 28.17 17.65
O4 SO4 D . 1.75 30.28 16.52
S SO4 E . -15.11 8.47 5.01
O1 SO4 E . -16.30 8.16 5.79
O2 SO4 E . -14.07 9.01 5.89
O3 SO4 E . -14.62 7.26 4.36
O4 SO4 E . -15.45 9.48 4.00
C1 EDO F . -3.60 26.17 -2.81
O1 EDO F . -5.02 26.37 -2.97
C2 EDO F . -2.81 26.41 -4.11
O2 EDO F . -2.90 25.33 -5.07
C1 EDO G . 0.83 25.02 16.34
O1 EDO G . -0.38 25.16 15.57
C2 EDO G . 2.12 24.86 15.51
O2 EDO G . 2.67 23.56 15.75
C1 EDO H . 0.57 14.45 15.95
O1 EDO H . 0.55 15.85 16.35
C2 EDO H . -0.84 13.88 15.97
O2 EDO H . -1.38 13.76 14.65
C1 EDO I . 2.15 5.09 3.45
O1 EDO I . 2.45 6.49 3.51
C2 EDO I . 0.83 4.80 4.12
O2 EDO I . 0.79 5.41 5.41
C1 EDO J . -11.55 24.23 -2.61
O1 EDO J . -10.44 24.26 -3.52
C2 EDO J . -11.59 22.89 -1.88
O2 EDO J . -10.84 21.88 -2.58
C1 EDO K . -12.87 21.45 1.07
O1 EDO K . -12.40 20.11 0.80
C2 EDO K . -13.66 21.43 2.38
O2 EDO K . -13.16 20.42 3.27
C1 EDO L . 7.70 2.51 -1.81
O1 EDO L . 6.74 3.43 -1.25
C2 EDO L . 7.02 1.63 -2.84
O2 EDO L . 5.61 1.68 -2.66
S SO4 M . 9.83 -25.44 -2.49
O1 SO4 M . 10.43 -24.97 -1.24
O2 SO4 M . 10.07 -24.46 -3.56
O3 SO4 M . 10.44 -26.71 -2.90
O4 SO4 M . 8.40 -25.64 -2.26
S SO4 N . 10.48 -10.03 23.26
O1 SO4 N . 10.48 -9.97 24.72
O2 SO4 N . 10.59 -8.67 22.72
O3 SO4 N . 11.63 -10.81 22.82
O4 SO4 N . 9.24 -10.66 22.80
C1 EDO O . -5.07 -10.33 6.02
O1 EDO O . -3.69 -9.91 5.87
C2 EDO O . -5.62 -10.17 7.43
O2 EDO O . -5.18 -11.22 8.34
C1 EDO P . 4.90 -2.05 -3.68
O1 EDO P . 5.43 -1.43 -4.85
C2 EDO P . 3.73 -1.21 -3.14
O2 EDO P . 2.61 -1.38 -4.01
#